data_3S3S
#
_entry.id   3S3S
#
_cell.length_a   71.439
_cell.length_b   71.439
_cell.length_c   310.340
_cell.angle_alpha   90.00
_cell.angle_beta   90.00
_cell.angle_gamma   90.00
#
_symmetry.space_group_name_H-M   'P 41 21 2'
#
loop_
_entity.id
_entity.type
_entity.pdbx_description
1 polymer 'Protein-glutamine gamma-glutamyltransferase 2'
2 polymer 'peptide inhibitor'
3 non-polymer 'SULFATE ION'
4 water water
#
loop_
_entity_poly.entity_id
_entity_poly.type
_entity_poly.pdbx_seq_one_letter_code
_entity_poly.pdbx_strand_id
1 'polypeptide(L)'
;MAHHHHHHAEELVLERCDLELETNGRDHHTADLCREKLVVRRGQPFWLTLHFEGRNYEASVDSLTFSVVTGPAPSQEAGT
KARFPLRDAVEEGDWTATVVDQQDCTLSLQLTTPANAPIGLYRLSLEASTGYQGSSFVLGHFILLFNAWCPADAVYLDSE
EERQEYVLTQQGFIYQGSAKFIKNIPWNFGQFEDGILDICLILLDVNPKFLKNAGRDCSRRSSPVYVGRVVSGMVNCNDD
QGVLLGRWDNNYGDGVSPMSWIGSVDILRRWKNHGCQRVKYGQCWVFAAVACTVLRCLGIPTRVVTNYNSAHDQNSNLLI
EYFRNEFGEIQGDKSEMIWNFHCWVESWMTRPDLQPGYEGWQALDPTPQEKSEGTYCCGPVPVRAIKEGDLSTKYDAPFV
FAEVNADVVDWIQQDDGSVHKSINRSLIVGLKISTKSVGRDEREDITHTYKYPEGSSEEREAFTRANHLNKLAEKEETGM
AMRIRVGQSMNMGSDFDVFAHITNNTAEEYVCRLLLCARTVSYNGILGPECGTKYLLNLNLEPFSEKSVPLCILYEKYRD
CLTESNLIKVRALLVEPVINSYLLAERDLYLENPEIKIRILGEPKQKRKLVAEVSLQNPLPVALEGCTFTVEGAGLTEEQ
KTVEIPDPVEAGEEVKVRMDLLPLHMGLHKLVVNFESDKLKAVKGFRNVIIGPA
;
A
2 'polypeptide(L)' (PHQ)(XW1)VPL B
#
# COMPACT_ATOMS: atom_id res chain seq x y z
N HIS A 8 33.34 43.08 -48.25
CA HIS A 8 32.20 43.84 -48.78
C HIS A 8 31.01 43.83 -47.83
N ALA A 9 30.20 42.77 -47.92
CA ALA A 9 28.96 42.65 -47.15
C ALA A 9 29.14 42.94 -45.65
N GLU A 10 28.31 43.83 -45.11
CA GLU A 10 28.33 44.12 -43.68
C GLU A 10 27.52 43.08 -42.87
N GLU A 11 27.97 42.82 -41.66
CA GLU A 11 27.29 41.86 -40.79
C GLU A 11 25.81 42.21 -40.58
N LEU A 12 25.03 41.19 -40.29
CA LEU A 12 23.59 41.34 -40.05
C LEU A 12 23.34 41.94 -38.67
N VAL A 13 22.35 42.80 -38.59
CA VAL A 13 21.89 43.26 -37.29
C VAL A 13 20.45 42.84 -37.11
N LEU A 14 20.21 42.06 -36.06
CA LEU A 14 18.87 41.64 -35.73
C LEU A 14 18.09 42.78 -35.11
N GLU A 15 16.93 43.06 -35.67
CA GLU A 15 16.08 44.05 -35.05
C GLU A 15 15.25 43.40 -33.96
N ARG A 16 14.64 42.26 -34.27
CA ARG A 16 13.94 41.49 -33.23
C ARG A 16 13.62 40.08 -33.68
N CYS A 17 13.26 39.25 -32.70
CA CYS A 17 12.79 37.89 -32.93
C CYS A 17 11.34 37.78 -32.50
N ASP A 18 10.50 37.34 -33.43
CA ASP A 18 9.10 37.10 -33.13
C ASP A 18 8.96 35.61 -32.76
N LEU A 19 8.51 35.35 -31.53
CA LEU A 19 8.38 33.99 -31.00
C LEU A 19 7.11 33.26 -31.47
N GLU A 20 6.35 33.89 -32.37
CA GLU A 20 5.16 33.27 -32.97
C GLU A 20 4.29 32.53 -31.94
N LEU A 21 4.00 33.19 -30.83
CA LEU A 21 3.29 32.57 -29.72
C LEU A 21 1.94 31.98 -30.12
N GLU A 22 1.19 32.70 -30.95
CA GLU A 22 -0.16 32.28 -31.29
C GLU A 22 -0.17 31.00 -32.12
N THR A 23 0.73 30.95 -33.09
CA THR A 23 0.82 29.83 -34.00
C THR A 23 1.51 28.62 -33.37
N ASN A 24 2.55 28.86 -32.57
CA ASN A 24 3.26 27.77 -31.88
C ASN A 24 2.34 27.15 -30.80
N GLY A 25 1.65 28.02 -30.06
CA GLY A 25 0.79 27.59 -28.99
C GLY A 25 -0.30 26.64 -29.43
N ARG A 26 -0.94 26.98 -30.54
CA ARG A 26 -2.05 26.18 -31.05
C ARG A 26 -1.58 24.83 -31.58
N ASP A 27 -0.54 24.86 -32.39
CA ASP A 27 0.01 23.65 -32.99
C ASP A 27 0.57 22.70 -31.93
N HIS A 28 1.13 23.27 -30.88
CA HIS A 28 1.82 22.49 -29.85
C HIS A 28 0.94 22.19 -28.65
N HIS A 29 -0.33 22.60 -28.70
CA HIS A 29 -1.26 22.31 -27.62
C HIS A 29 -0.77 22.92 -26.31
N THR A 30 -0.20 24.12 -26.42
CA THR A 30 0.34 24.87 -25.30
C THR A 30 -0.18 26.32 -25.25
N ALA A 31 -1.23 26.60 -26.04
CA ALA A 31 -1.77 27.96 -26.16
C ALA A 31 -2.01 28.69 -24.84
N ASP A 32 -2.57 28.02 -23.86
CA ASP A 32 -2.83 28.62 -22.56
C ASP A 32 -1.54 28.96 -21.85
N LEU A 33 -0.47 28.26 -22.20
CA LEU A 33 0.82 28.50 -21.57
C LEU A 33 1.67 29.55 -22.30
N CYS A 34 1.21 29.98 -23.49
CA CYS A 34 2.00 30.89 -24.34
C CYS A 34 1.44 32.29 -24.39
N ARG A 35 0.90 32.77 -23.28
CA ARG A 35 0.38 34.14 -23.25
C ARG A 35 1.52 35.16 -23.30
N GLU A 36 2.65 34.84 -22.67
CA GLU A 36 3.77 35.78 -22.58
C GLU A 36 5.12 35.19 -23.03
N LYS A 37 5.36 33.92 -22.72
CA LYS A 37 6.63 33.29 -23.06
C LYS A 37 6.38 32.06 -23.93
N LEU A 38 7.39 31.61 -24.66
CA LEU A 38 7.20 30.49 -25.59
C LEU A 38 7.25 29.11 -24.91
N VAL A 39 6.18 28.32 -25.06
CA VAL A 39 6.17 26.95 -24.54
C VAL A 39 5.84 25.98 -25.66
N VAL A 40 6.74 25.02 -25.90
CA VAL A 40 6.56 24.06 -27.00
C VAL A 40 6.83 22.64 -26.54
N ARG A 41 6.55 21.69 -27.43
CA ARG A 41 6.68 20.28 -27.09
C ARG A 41 7.73 19.66 -28.00
N ARG A 42 8.42 18.65 -27.49
CA ARG A 42 9.56 18.06 -28.21
C ARG A 42 9.17 17.16 -29.40
N GLY A 43 10.05 17.11 -30.40
CA GLY A 43 9.91 16.24 -31.56
C GLY A 43 8.98 16.80 -32.63
N GLN A 44 8.65 18.08 -32.53
CA GLN A 44 7.71 18.72 -33.43
C GLN A 44 8.21 20.13 -33.87
N PRO A 45 8.12 20.44 -35.18
CA PRO A 45 8.65 21.75 -35.61
C PRO A 45 7.92 22.93 -34.96
N PHE A 46 8.68 23.96 -34.64
CA PHE A 46 8.09 25.24 -34.21
C PHE A 46 8.76 26.41 -34.92
N TRP A 47 8.19 27.61 -34.77
CA TRP A 47 8.58 28.74 -35.61
C TRP A 47 9.08 30.00 -34.89
N LEU A 48 10.13 30.59 -35.45
CA LEU A 48 10.67 31.87 -35.03
C LEU A 48 10.77 32.74 -36.28
N THR A 49 10.40 34.01 -36.17
CA THR A 49 10.61 34.92 -37.29
C THR A 49 11.64 36.00 -36.94
N LEU A 50 12.74 36.01 -37.67
CA LEU A 50 13.76 37.04 -37.51
C LEU A 50 13.50 38.27 -38.39
N HIS A 51 13.49 39.44 -37.76
CA HIS A 51 13.47 40.71 -38.46
C HIS A 51 14.84 41.33 -38.35
N PHE A 52 15.46 41.65 -39.48
CA PHE A 52 16.78 42.26 -39.47
C PHE A 52 16.74 43.75 -39.77
N GLU A 53 17.62 44.49 -39.11
CA GLU A 53 17.74 45.92 -39.37
C GLU A 53 18.71 46.09 -40.53
N GLY A 54 18.21 46.55 -41.67
CA GLY A 54 19.05 46.69 -42.83
C GLY A 54 18.80 45.56 -43.81
N ARG A 55 19.87 45.02 -44.38
CA ARG A 55 19.77 43.95 -45.34
C ARG A 55 19.32 42.64 -44.68
N ASN A 56 18.62 41.81 -45.45
CA ASN A 56 18.13 40.53 -44.96
C ASN A 56 19.21 39.47 -45.17
N TYR A 57 19.01 38.33 -44.52
CA TYR A 57 19.87 37.16 -44.68
C TYR A 57 20.09 36.77 -46.14
N GLU A 58 21.32 36.37 -46.44
CA GLU A 58 21.67 35.87 -47.75
C GLU A 58 22.49 34.61 -47.55
N ALA A 59 21.93 33.48 -47.95
CA ALA A 59 22.58 32.18 -47.70
C ALA A 59 24.00 32.09 -48.26
N SER A 60 24.25 32.79 -49.37
CA SER A 60 25.55 32.72 -50.04
C SER A 60 26.65 33.43 -49.23
N VAL A 61 26.23 34.33 -48.36
CA VAL A 61 27.15 35.16 -47.62
C VAL A 61 27.12 34.90 -46.11
N ASP A 62 25.92 34.78 -45.56
CA ASP A 62 25.75 34.65 -44.12
C ASP A 62 25.68 33.19 -43.66
N SER A 63 26.46 32.85 -42.64
CA SER A 63 26.30 31.57 -41.94
C SER A 63 25.76 31.79 -40.53
N LEU A 64 24.58 31.22 -40.25
CA LEU A 64 23.95 31.34 -38.94
C LEU A 64 24.04 30.01 -38.20
N THR A 65 24.40 30.07 -36.91
CA THR A 65 24.41 28.90 -36.06
C THR A 65 23.63 29.14 -34.77
N PHE A 66 22.83 28.15 -34.38
CA PHE A 66 22.09 28.21 -33.12
C PHE A 66 22.74 27.41 -32.01
N SER A 67 22.56 27.89 -30.79
CA SER A 67 22.97 27.14 -29.61
C SER A 67 21.85 27.19 -28.58
N VAL A 68 21.59 26.06 -27.94
CA VAL A 68 20.61 26.02 -26.87
C VAL A 68 21.25 25.38 -25.65
N VAL A 69 20.90 25.87 -24.48
CA VAL A 69 21.37 25.27 -23.22
C VAL A 69 20.22 25.15 -22.22
N THR A 70 20.24 24.11 -21.41
CA THR A 70 19.28 24.00 -20.31
C THR A 70 20.00 23.57 -19.03
N GLY A 71 19.68 24.24 -17.94
CA GLY A 71 20.21 23.84 -16.64
C GLY A 71 21.50 24.55 -16.30
N PRO A 72 22.06 24.28 -15.11
CA PRO A 72 23.22 24.98 -14.55
C PRO A 72 24.56 24.34 -14.94
N ALA A 73 24.53 23.16 -15.53
CA ALA A 73 25.75 22.51 -15.99
C ALA A 73 25.50 21.77 -17.30
N PRO A 74 25.14 22.51 -18.36
CA PRO A 74 24.79 21.89 -19.64
C PRO A 74 26.01 21.33 -20.37
N SER A 75 25.85 20.16 -21.00
CA SER A 75 26.87 19.64 -21.90
C SER A 75 26.23 18.92 -23.08
N GLN A 76 26.96 18.87 -24.19
CA GLN A 76 26.45 18.26 -25.40
C GLN A 76 26.31 16.75 -25.22
N GLU A 77 27.25 16.18 -24.48
CA GLU A 77 27.26 14.73 -24.25
C GLU A 77 26.05 14.33 -23.41
N ALA A 78 25.65 15.21 -22.48
CA ALA A 78 24.48 14.97 -21.66
C ALA A 78 23.17 15.34 -22.35
N GLY A 79 23.26 15.92 -23.54
CA GLY A 79 22.06 16.31 -24.28
C GLY A 79 21.43 17.60 -23.82
N THR A 80 22.07 18.29 -22.89
CA THR A 80 21.53 19.53 -22.33
C THR A 80 22.14 20.76 -23.01
N LYS A 81 22.94 20.51 -24.04
CA LYS A 81 23.49 21.59 -24.85
C LYS A 81 23.55 21.15 -26.30
N ALA A 82 23.09 21.99 -27.22
CA ALA A 82 23.25 21.67 -28.65
C ALA A 82 23.62 22.87 -29.53
N ARG A 83 24.31 22.58 -30.61
CA ARG A 83 24.70 23.61 -31.58
C ARG A 83 24.30 23.12 -32.95
N PHE A 84 23.67 23.98 -33.73
CA PHE A 84 23.16 23.51 -35.02
C PHE A 84 23.04 24.65 -36.01
N PRO A 85 23.48 24.42 -37.25
CA PRO A 85 23.53 25.50 -38.24
C PRO A 85 22.16 25.68 -38.87
N LEU A 86 21.89 26.88 -39.38
CA LEU A 86 20.72 27.07 -40.24
C LEU A 86 21.05 26.59 -41.66
N ARG A 87 20.42 25.51 -42.09
CA ARG A 87 20.66 24.95 -43.43
C ARG A 87 19.40 24.26 -43.97
N ASP A 88 19.42 23.92 -45.25
CA ASP A 88 18.29 23.27 -45.88
C ASP A 88 18.13 21.80 -45.51
N ALA A 89 19.23 21.07 -45.48
CA ALA A 89 19.18 19.66 -45.10
C ALA A 89 18.68 19.56 -43.67
N VAL A 90 17.63 18.77 -43.48
CA VAL A 90 17.04 18.57 -42.15
C VAL A 90 17.19 17.11 -41.72
N GLU A 91 18.12 16.87 -40.80
CA GLU A 91 18.34 15.54 -40.25
C GLU A 91 17.28 15.22 -39.22
N GLU A 92 16.40 14.29 -39.54
CA GLU A 92 15.30 13.97 -38.66
C GLU A 92 15.81 13.36 -37.35
N GLY A 93 15.20 13.76 -36.23
CA GLY A 93 15.62 13.30 -34.91
C GLY A 93 16.69 14.15 -34.25
N ASP A 94 17.17 15.18 -34.94
CA ASP A 94 18.19 16.02 -34.34
C ASP A 94 17.66 17.41 -34.08
N TRP A 95 18.41 18.18 -33.31
CA TRP A 95 18.24 19.63 -33.28
C TRP A 95 18.52 20.19 -34.69
N THR A 96 17.54 20.88 -35.28
CA THR A 96 17.73 21.53 -36.58
C THR A 96 17.04 22.88 -36.71
N ALA A 97 17.52 23.69 -37.65
CA ALA A 97 16.83 24.91 -38.03
C ALA A 97 16.84 25.04 -39.56
N THR A 98 15.72 25.43 -40.14
CA THR A 98 15.70 25.64 -41.58
C THR A 98 14.80 26.82 -41.94
N VAL A 99 15.11 27.48 -43.05
CA VAL A 99 14.29 28.56 -43.58
C VAL A 99 13.04 28.02 -44.28
N VAL A 100 11.89 28.55 -43.89
CA VAL A 100 10.63 28.19 -44.54
C VAL A 100 9.92 29.38 -45.17
N ASP A 101 10.43 30.59 -44.94
CA ASP A 101 9.86 31.79 -45.59
C ASP A 101 10.84 32.95 -45.58
N GLN A 102 10.92 33.68 -46.70
CA GLN A 102 11.80 34.84 -46.76
C GLN A 102 11.12 36.01 -47.46
N GLN A 103 10.82 37.06 -46.69
CA GLN A 103 10.21 38.27 -47.22
C GLN A 103 11.22 39.41 -47.15
N ASP A 104 10.78 40.62 -47.45
CA ASP A 104 11.70 41.77 -47.56
C ASP A 104 12.67 41.86 -46.40
N CYS A 105 12.16 42.06 -45.19
CA CYS A 105 13.02 42.23 -44.02
C CYS A 105 12.97 41.08 -43.02
N THR A 106 12.18 40.06 -43.32
CA THR A 106 11.95 38.94 -42.38
C THR A 106 12.47 37.58 -42.86
N LEU A 107 12.69 36.70 -41.91
CA LEU A 107 13.20 35.37 -42.19
C LEU A 107 12.52 34.41 -41.23
N SER A 108 11.61 33.60 -41.77
CA SER A 108 10.88 32.64 -40.98
C SER A 108 11.65 31.33 -40.87
N LEU A 109 11.92 30.94 -39.63
CA LEU A 109 12.65 29.71 -39.35
C LEU A 109 11.75 28.61 -38.80
N GLN A 110 12.11 27.38 -39.13
CA GLN A 110 11.49 26.23 -38.56
C GLN A 110 12.57 25.45 -37.79
N LEU A 111 12.36 25.33 -36.48
CA LEU A 111 13.23 24.56 -35.60
C LEU A 111 12.55 23.25 -35.15
N THR A 112 13.36 22.19 -34.99
CA THR A 112 12.85 20.97 -34.38
C THR A 112 13.82 20.47 -33.34
N THR A 113 13.29 19.84 -32.28
CA THR A 113 14.07 19.22 -31.23
C THR A 113 13.94 17.72 -31.37
N PRO A 114 14.89 16.95 -30.80
CA PRO A 114 14.74 15.50 -30.71
C PRO A 114 13.49 15.14 -29.88
N ALA A 115 12.88 14.01 -30.25
CA ALA A 115 11.74 13.50 -29.51
C ALA A 115 12.14 12.95 -28.12
N ASN A 116 13.44 12.86 -27.84
CA ASN A 116 13.91 12.42 -26.53
C ASN A 116 14.78 13.47 -25.83
N ALA A 117 14.51 14.74 -26.18
CA ALA A 117 15.23 15.86 -25.61
C ALA A 117 14.85 16.10 -24.15
N PRO A 118 15.83 16.39 -23.30
CA PRO A 118 15.41 16.67 -21.92
C PRO A 118 14.40 17.82 -21.90
N ILE A 119 13.39 17.72 -21.06
CA ILE A 119 12.40 18.78 -20.95
C ILE A 119 12.97 19.91 -20.11
N GLY A 120 12.45 21.12 -20.28
CA GLY A 120 12.86 22.23 -19.44
C GLY A 120 13.01 23.59 -20.11
N LEU A 121 13.62 24.51 -19.37
CA LEU A 121 13.79 25.87 -19.82
C LEU A 121 15.10 26.00 -20.58
N TYR A 122 15.00 26.40 -21.85
CA TYR A 122 16.15 26.60 -22.70
C TYR A 122 16.44 28.07 -22.95
N ARG A 123 17.72 28.41 -22.99
CA ARG A 123 18.14 29.69 -23.54
C ARG A 123 18.58 29.41 -24.96
N LEU A 124 18.06 30.18 -25.89
CA LEU A 124 18.39 30.02 -27.30
C LEU A 124 19.24 31.19 -27.75
N SER A 125 20.43 30.89 -28.27
CA SER A 125 21.32 31.93 -28.79
C SER A 125 21.54 31.79 -30.28
N LEU A 126 21.95 32.90 -30.90
CA LEU A 126 22.23 32.93 -32.34
C LEU A 126 23.62 33.49 -32.64
N GLU A 127 24.36 32.78 -33.47
CA GLU A 127 25.64 33.31 -33.97
C GLU A 127 25.52 33.58 -35.46
N ALA A 128 25.67 34.84 -35.83
CA ALA A 128 25.61 35.29 -37.22
C ALA A 128 27.01 35.56 -37.73
N SER A 129 27.35 34.99 -38.87
CA SER A 129 28.69 35.12 -39.40
C SER A 129 28.74 35.44 -40.89
N THR A 130 29.36 36.56 -41.21
CA THR A 130 29.58 36.96 -42.59
C THR A 130 31.08 36.96 -42.79
N GLY A 131 31.60 35.80 -43.18
CA GLY A 131 33.01 35.56 -43.43
C GLY A 131 33.99 36.67 -43.06
N TYR A 132 34.94 36.31 -42.20
CA TYR A 132 35.95 37.24 -41.71
C TYR A 132 35.49 37.91 -40.43
N GLN A 133 34.21 37.71 -40.08
CA GLN A 133 33.62 38.37 -38.90
C GLN A 133 32.40 37.62 -38.39
N GLY A 134 32.15 37.71 -37.08
CA GLY A 134 31.01 37.08 -36.45
C GLY A 134 30.50 37.77 -35.19
N SER A 135 29.25 37.51 -34.82
CA SER A 135 28.66 38.11 -33.61
C SER A 135 27.58 37.21 -33.03
N SER A 136 27.79 36.72 -31.79
CA SER A 136 26.82 35.86 -31.12
C SER A 136 26.02 36.57 -30.02
N PHE A 137 24.74 36.20 -29.88
CA PHE A 137 23.88 36.84 -28.89
C PHE A 137 22.62 36.03 -28.56
N VAL A 138 21.96 36.43 -27.47
CA VAL A 138 20.80 35.73 -26.96
C VAL A 138 19.53 36.15 -27.67
N LEU A 139 18.82 35.16 -28.21
CA LEU A 139 17.59 35.37 -28.94
C LEU A 139 16.41 35.33 -27.98
N GLY A 140 16.49 34.43 -27.02
CA GLY A 140 15.46 34.34 -26.00
C GLY A 140 15.39 32.98 -25.35
N HIS A 141 14.23 32.68 -24.80
CA HIS A 141 14.00 31.41 -24.10
C HIS A 141 12.76 30.69 -24.57
N PHE A 142 12.73 29.39 -24.36
CA PHE A 142 11.50 28.61 -24.48
C PHE A 142 11.51 27.43 -23.53
N ILE A 143 10.32 27.02 -23.08
CA ILE A 143 10.23 25.81 -22.28
C ILE A 143 9.84 24.65 -23.18
N LEU A 144 10.53 23.52 -23.02
CA LEU A 144 10.29 22.34 -23.84
C LEU A 144 9.61 21.23 -23.02
N LEU A 145 8.47 20.75 -23.50
CA LEU A 145 7.66 19.82 -22.72
C LEU A 145 7.53 18.44 -23.38
N PHE A 146 7.02 17.46 -22.65
CA PHE A 146 6.73 16.14 -23.20
C PHE A 146 5.62 16.26 -24.24
N ASN A 147 5.66 15.39 -25.26
CA ASN A 147 4.76 15.52 -26.41
C ASN A 147 3.96 14.26 -26.75
N ALA A 148 2.76 14.16 -26.18
CA ALA A 148 1.91 13.00 -26.44
C ALA A 148 1.39 12.92 -27.88
N TRP A 149 1.65 13.95 -28.70
CA TRP A 149 1.19 14.00 -30.09
C TRP A 149 2.23 13.47 -31.07
N CYS A 150 3.45 13.32 -30.58
CA CYS A 150 4.58 12.91 -31.40
C CYS A 150 4.85 11.40 -31.32
N PRO A 151 4.70 10.70 -32.46
CA PRO A 151 4.80 9.23 -32.49
C PRO A 151 6.16 8.75 -32.01
N ALA A 152 7.18 9.60 -32.10
CA ALA A 152 8.50 9.17 -31.68
C ALA A 152 8.74 9.37 -30.18
N ASP A 153 7.91 10.18 -29.52
CA ASP A 153 8.05 10.51 -28.09
C ASP A 153 7.56 9.35 -27.21
N ALA A 154 8.35 8.97 -26.20
CA ALA A 154 7.94 7.97 -25.17
C ALA A 154 6.52 8.07 -24.59
N VAL A 155 5.99 9.29 -24.46
CA VAL A 155 4.63 9.48 -23.94
C VAL A 155 3.55 9.53 -25.04
N TYR A 156 3.93 9.20 -26.26
CA TYR A 156 2.95 9.16 -27.35
C TYR A 156 1.70 8.36 -26.98
N LEU A 157 0.53 8.93 -27.29
CA LEU A 157 -0.75 8.28 -27.06
C LEU A 157 -1.46 8.35 -28.42
N ASP A 158 -1.90 7.22 -28.94
CA ASP A 158 -2.35 7.21 -30.33
C ASP A 158 -3.80 7.73 -30.56
N SER A 159 -4.43 8.20 -29.50
CA SER A 159 -5.81 8.67 -29.56
C SER A 159 -5.94 10.12 -29.12
N GLU A 160 -6.50 10.95 -30.00
CA GLU A 160 -6.70 12.37 -29.74
C GLU A 160 -7.54 12.65 -28.50
N GLU A 161 -8.67 11.98 -28.36
CA GLU A 161 -9.56 12.20 -27.22
C GLU A 161 -8.90 11.83 -25.89
N GLU A 162 -7.99 10.86 -25.94
CA GLU A 162 -7.23 10.50 -24.76
C GLU A 162 -6.16 11.56 -24.42
N ARG A 163 -5.52 12.10 -25.46
CA ARG A 163 -4.56 13.17 -25.27
C ARG A 163 -5.26 14.39 -24.66
N GLN A 164 -6.51 14.64 -25.08
CA GLN A 164 -7.30 15.76 -24.58
C GLN A 164 -7.61 15.59 -23.10
N GLU A 165 -7.93 14.35 -22.73
CA GLU A 165 -8.37 14.03 -21.39
C GLU A 165 -7.19 14.05 -20.43
N TYR A 166 -6.11 13.38 -20.82
CA TYR A 166 -5.05 13.01 -19.88
C TYR A 166 -3.89 14.02 -19.86
N VAL A 167 -3.93 14.99 -20.76
CA VAL A 167 -2.96 16.07 -20.76
C VAL A 167 -3.64 17.45 -20.70
N LEU A 168 -4.63 17.67 -21.57
CA LEU A 168 -5.17 19.03 -21.79
C LEU A 168 -6.31 19.45 -20.87
N THR A 169 -7.12 18.48 -20.43
CA THR A 169 -8.31 18.79 -19.64
C THR A 169 -7.91 19.18 -18.21
N GLN A 170 -8.41 20.32 -17.75
CA GLN A 170 -7.97 20.90 -16.47
C GLN A 170 -8.86 20.63 -15.26
N GLN A 171 -9.98 19.94 -15.49
CA GLN A 171 -10.84 19.49 -14.39
C GLN A 171 -11.21 18.02 -14.53
N GLY A 172 -11.47 17.36 -13.41
CA GLY A 172 -11.90 15.98 -13.44
C GLY A 172 -12.59 15.57 -12.15
N PHE A 173 -12.63 14.26 -11.92
CA PHE A 173 -13.22 13.74 -10.70
C PHE A 173 -12.23 12.82 -10.02
N ILE A 174 -12.12 12.99 -8.71
CA ILE A 174 -11.41 12.05 -7.88
C ILE A 174 -12.46 11.26 -7.11
N TYR A 175 -12.48 9.94 -7.30
CA TYR A 175 -13.47 9.08 -6.64
C TYR A 175 -13.10 8.74 -5.20
N GLN A 176 -14.13 8.78 -4.35
CA GLN A 176 -14.02 8.39 -2.95
C GLN A 176 -15.32 7.80 -2.40
N GLY A 177 -15.49 7.85 -1.08
CA GLY A 177 -16.64 7.26 -0.43
C GLY A 177 -16.33 5.82 -0.10
N SER A 178 -17.06 4.90 -0.70
CA SER A 178 -16.81 3.49 -0.47
C SER A 178 -17.22 2.71 -1.70
N ALA A 179 -16.84 1.44 -1.73
CA ALA A 179 -17.12 0.59 -2.86
C ALA A 179 -18.61 0.54 -3.16
N LYS A 180 -19.44 0.74 -2.13
CA LYS A 180 -20.88 0.60 -2.28
C LYS A 180 -21.54 1.94 -2.47
N PHE A 181 -20.90 2.98 -1.93
CA PHE A 181 -21.32 4.35 -2.16
C PHE A 181 -20.17 5.18 -2.71
N ILE A 182 -19.83 4.93 -3.98
CA ILE A 182 -18.79 5.70 -4.64
C ILE A 182 -19.19 7.16 -4.82
N LYS A 183 -18.41 8.06 -4.24
CA LYS A 183 -18.63 9.50 -4.42
C LYS A 183 -17.57 10.14 -5.35
N ASN A 184 -17.97 11.16 -6.09
CA ASN A 184 -17.07 11.77 -7.08
C ASN A 184 -16.76 13.22 -6.81
N ILE A 185 -15.69 13.50 -6.07
CA ILE A 185 -15.28 14.88 -5.87
C ILE A 185 -14.79 15.50 -7.17
N PRO A 186 -15.48 16.57 -7.63
CA PRO A 186 -14.97 17.34 -8.77
C PRO A 186 -13.73 18.13 -8.33
N TRP A 187 -12.77 18.32 -9.23
CA TRP A 187 -11.47 18.88 -8.89
C TRP A 187 -10.85 19.66 -10.03
N ASN A 188 -10.25 20.79 -9.69
CA ASN A 188 -9.57 21.65 -10.65
C ASN A 188 -8.06 21.40 -10.60
N PHE A 189 -7.58 20.54 -11.48
CA PHE A 189 -6.15 20.31 -11.64
C PHE A 189 -5.44 21.59 -12.04
N GLY A 190 -6.08 22.38 -12.89
CA GLY A 190 -5.56 23.66 -13.32
C GLY A 190 -4.09 23.68 -13.74
N GLN A 191 -3.64 22.65 -14.43
CA GLN A 191 -2.24 22.55 -14.82
C GLN A 191 -1.73 23.75 -15.67
N PHE A 192 -2.62 24.44 -16.36
CA PHE A 192 -2.24 25.54 -17.26
C PHE A 192 -2.47 26.95 -16.71
N GLU A 193 -2.76 27.04 -15.41
CA GLU A 193 -2.97 28.35 -14.78
C GLU A 193 -1.67 29.15 -14.57
N ASP A 194 -1.80 30.47 -14.49
CA ASP A 194 -0.67 31.37 -14.28
C ASP A 194 0.28 30.89 -13.20
N GLY A 195 1.56 30.78 -13.52
CA GLY A 195 2.56 30.42 -12.53
C GLY A 195 2.78 28.93 -12.33
N ILE A 196 1.86 28.09 -12.79
CA ILE A 196 1.91 26.67 -12.45
C ILE A 196 3.08 25.93 -13.09
N LEU A 197 3.29 26.16 -14.37
CA LEU A 197 4.43 25.58 -15.07
C LEU A 197 5.77 25.92 -14.42
N ASP A 198 5.99 27.20 -14.12
CA ASP A 198 7.21 27.61 -13.41
C ASP A 198 7.33 26.86 -12.08
N ILE A 199 6.25 26.73 -11.35
CA ILE A 199 6.29 25.96 -10.10
C ILE A 199 6.72 24.49 -10.29
N CYS A 200 6.18 23.86 -11.32
CA CYS A 200 6.59 22.51 -11.68
C CYS A 200 8.09 22.38 -11.95
N LEU A 201 8.65 23.38 -12.63
CA LEU A 201 10.07 23.36 -12.98
C LEU A 201 10.93 23.53 -11.73
N ILE A 202 10.40 24.31 -10.79
CA ILE A 202 11.11 24.55 -9.55
C ILE A 202 11.13 23.29 -8.74
N LEU A 203 9.97 22.63 -8.66
CA LEU A 203 9.88 21.37 -7.94
C LEU A 203 10.97 20.40 -8.44
N LEU A 204 11.15 20.34 -9.75
CA LEU A 204 12.20 19.50 -10.31
C LEU A 204 13.57 20.00 -9.82
N ASP A 205 13.76 21.31 -9.88
CA ASP A 205 15.04 21.94 -9.55
C ASP A 205 15.48 21.82 -8.08
N VAL A 206 14.56 21.46 -7.18
CA VAL A 206 14.92 21.28 -5.77
C VAL A 206 14.78 19.83 -5.31
N ASN A 207 14.70 18.89 -6.26
CA ASN A 207 14.59 17.49 -5.88
C ASN A 207 15.98 16.96 -5.53
N PRO A 208 16.05 15.97 -4.62
CA PRO A 208 17.32 15.49 -4.08
C PRO A 208 18.36 15.12 -5.13
N LYS A 209 17.91 14.63 -6.29
CA LYS A 209 18.86 14.20 -7.33
C LYS A 209 19.49 15.39 -8.03
N PHE A 210 18.73 16.47 -8.16
CA PHE A 210 19.29 17.73 -8.66
C PHE A 210 20.42 18.18 -7.74
N LEU A 211 20.13 18.30 -6.44
CA LEU A 211 21.14 18.68 -5.46
C LEU A 211 22.37 17.77 -5.52
N LYS A 212 22.15 16.49 -5.73
CA LYS A 212 23.22 15.49 -5.76
C LYS A 212 24.08 15.52 -7.04
N ASN A 213 23.48 15.95 -8.16
CA ASN A 213 24.14 15.96 -9.47
C ASN A 213 23.25 16.68 -10.50
N ALA A 214 23.31 18.01 -10.48
CA ALA A 214 22.41 18.85 -11.27
C ALA A 214 22.45 18.60 -12.77
N GLY A 215 23.67 18.57 -13.31
CA GLY A 215 23.86 18.25 -14.72
C GLY A 215 23.18 16.94 -15.11
N ARG A 216 23.36 15.90 -14.30
CA ARG A 216 22.80 14.59 -14.63
C ARG A 216 21.28 14.53 -14.46
N ASP A 217 20.79 15.16 -13.41
CA ASP A 217 19.36 15.30 -13.21
C ASP A 217 18.71 15.97 -14.41
N CYS A 218 19.26 17.11 -14.84
CA CYS A 218 18.72 17.84 -15.97
C CYS A 218 18.75 17.00 -17.24
N SER A 219 19.80 16.24 -17.42
CA SER A 219 19.88 15.32 -18.55
C SER A 219 18.83 14.19 -18.46
N ARG A 220 18.59 13.68 -17.25
CA ARG A 220 17.65 12.57 -17.08
C ARG A 220 16.22 13.01 -17.27
N ARG A 221 15.98 14.31 -17.34
CA ARG A 221 14.63 14.78 -17.63
C ARG A 221 14.17 14.52 -19.08
N SER A 222 15.00 13.85 -19.88
CA SER A 222 14.51 13.34 -21.17
C SER A 222 13.54 12.18 -21.00
N SER A 223 13.57 11.55 -19.83
CA SER A 223 12.78 10.37 -19.55
C SER A 223 11.56 10.64 -18.65
N PRO A 224 10.37 10.23 -19.11
CA PRO A 224 9.13 10.35 -18.33
C PRO A 224 9.12 9.32 -17.18
N VAL A 225 9.86 8.23 -17.34
CA VAL A 225 10.09 7.30 -16.23
C VAL A 225 10.77 8.07 -15.09
N TYR A 226 11.89 8.70 -15.41
CA TYR A 226 12.65 9.46 -14.42
C TYR A 226 11.84 10.61 -13.85
N VAL A 227 11.11 11.32 -14.71
CA VAL A 227 10.38 12.50 -14.26
C VAL A 227 9.16 12.13 -13.39
N GLY A 228 8.40 11.13 -13.83
CA GLY A 228 7.32 10.58 -13.01
C GLY A 228 7.85 10.13 -11.65
N ARG A 229 8.96 9.39 -11.65
CA ARG A 229 9.56 8.98 -10.39
C ARG A 229 9.86 10.16 -9.47
N VAL A 230 10.62 11.14 -9.96
CA VAL A 230 10.94 12.33 -9.15
C VAL A 230 9.70 12.99 -8.55
N VAL A 231 8.64 13.17 -9.34
CA VAL A 231 7.40 13.81 -8.87
C VAL A 231 6.67 13.01 -7.77
N SER A 232 6.62 11.69 -7.90
CA SER A 232 5.96 10.88 -6.89
C SER A 232 6.62 11.18 -5.55
N GLY A 233 7.93 11.35 -5.58
CA GLY A 233 8.70 11.56 -4.37
C GLY A 233 8.57 12.96 -3.81
N MET A 234 8.34 13.93 -4.69
CA MET A 234 8.41 15.33 -4.29
C MET A 234 7.10 15.87 -3.73
N VAL A 235 6.02 15.12 -3.94
CA VAL A 235 4.71 15.60 -3.52
C VAL A 235 4.64 15.60 -1.99
N ASN A 236 5.31 14.65 -1.37
CA ASN A 236 5.30 14.51 0.08
C ASN A 236 6.57 14.98 0.81
N CYS A 237 6.38 15.90 1.74
CA CYS A 237 7.45 16.53 2.52
C CYS A 237 8.19 15.55 3.45
N ASN A 238 9.25 14.91 2.93
CA ASN A 238 10.04 13.99 3.72
C ASN A 238 10.68 14.65 4.94
N ASP A 240 13.01 17.43 4.24
CA ASP A 240 11.64 17.82 3.90
C ASP A 240 11.50 18.12 2.40
N GLN A 241 11.53 19.40 2.05
CA GLN A 241 11.48 19.86 0.65
C GLN A 241 10.10 19.75 -0.03
N GLY A 242 9.44 18.61 0.20
CA GLY A 242 8.19 18.28 -0.46
C GLY A 242 7.06 19.29 -0.34
N VAL A 243 5.98 19.04 -1.07
CA VAL A 243 4.86 19.98 -1.14
C VAL A 243 3.85 19.85 0.01
N LEU A 244 3.46 18.63 0.33
CA LEU A 244 2.37 18.40 1.28
C LEU A 244 2.83 17.66 2.54
N LEU A 245 2.10 17.85 3.62
CA LEU A 245 2.44 17.21 4.89
C LEU A 245 1.19 16.78 5.64
N SER A 260 -12.75 20.32 1.98
CA SER A 260 -11.88 21.51 2.04
C SER A 260 -11.61 22.12 0.66
N TRP A 261 -10.38 22.05 0.16
CA TRP A 261 -10.11 22.58 -1.17
C TRP A 261 -10.63 21.74 -2.32
N ILE A 262 -10.66 22.36 -3.50
CA ILE A 262 -11.31 21.82 -4.67
C ILE A 262 -10.39 21.86 -5.88
N GLY A 263 -9.11 22.17 -5.66
CA GLY A 263 -8.15 22.28 -6.75
C GLY A 263 -6.72 22.13 -6.30
N SER A 264 -5.78 22.11 -7.24
CA SER A 264 -4.36 21.96 -6.92
C SER A 264 -3.60 23.28 -6.91
N VAL A 265 -4.13 24.26 -7.64
CA VAL A 265 -3.43 25.51 -7.92
C VAL A 265 -3.01 26.26 -6.67
N ASP A 266 -3.97 26.49 -5.77
CA ASP A 266 -3.73 27.17 -4.52
C ASP A 266 -2.63 26.50 -3.71
N ILE A 267 -2.69 25.17 -3.65
CA ILE A 267 -1.71 24.41 -2.88
C ILE A 267 -0.29 24.65 -3.39
N LEU A 268 -0.15 24.62 -4.72
CA LEU A 268 1.15 24.78 -5.37
C LEU A 268 1.67 26.20 -5.26
N ARG A 269 0.78 27.17 -5.38
CA ARG A 269 1.14 28.56 -5.19
C ARG A 269 1.69 28.83 -3.78
N ARG A 270 0.95 28.44 -2.75
CA ARG A 270 1.41 28.60 -1.38
C ARG A 270 2.76 27.91 -1.13
N TRP A 271 2.92 26.70 -1.65
CA TRP A 271 4.16 25.95 -1.46
C TRP A 271 5.37 26.71 -1.98
N LYS A 272 5.25 27.26 -3.18
CA LYS A 272 6.32 28.01 -3.80
C LYS A 272 6.79 29.08 -2.81
N ASN A 273 5.82 29.82 -2.27
CA ASN A 273 6.08 30.75 -1.18
C ASN A 273 6.23 30.06 0.16
N CYS A 284 -6.60 12.68 1.88
CA CYS A 284 -5.49 11.86 1.32
C CYS A 284 -5.48 11.82 -0.19
N TRP A 285 -6.63 12.06 -0.81
CA TRP A 285 -6.72 12.11 -2.25
C TRP A 285 -5.95 13.30 -2.79
N VAL A 286 -5.65 14.26 -1.91
CA VAL A 286 -4.95 15.46 -2.32
C VAL A 286 -3.54 15.19 -2.89
N PHE A 287 -2.90 14.10 -2.46
CA PHE A 287 -1.56 13.76 -2.92
C PHE A 287 -1.56 13.39 -4.37
N ALA A 288 -2.50 12.52 -4.74
CA ALA A 288 -2.72 12.16 -6.13
C ALA A 288 -3.20 13.35 -6.97
N ALA A 289 -4.00 14.23 -6.39
CA ALA A 289 -4.53 15.38 -7.11
C ALA A 289 -3.40 16.30 -7.55
N VAL A 290 -2.46 16.55 -6.65
CA VAL A 290 -1.29 17.37 -6.94
C VAL A 290 -0.34 16.72 -7.95
N ALA A 291 -0.04 15.43 -7.80
CA ALA A 291 0.80 14.73 -8.77
C ALA A 291 0.22 14.80 -10.18
N CYS A 292 -1.09 14.59 -10.30
CA CYS A 292 -1.76 14.70 -11.58
C CYS A 292 -1.57 16.09 -12.17
N THR A 293 -1.80 17.13 -11.36
CA THR A 293 -1.61 18.50 -11.83
C THR A 293 -0.21 18.73 -12.44
N VAL A 294 0.84 18.46 -11.65
CA VAL A 294 2.22 18.54 -12.11
C VAL A 294 2.54 17.69 -13.36
N LEU A 295 2.10 16.44 -13.38
CA LEU A 295 2.43 15.57 -14.51
C LEU A 295 1.71 16.01 -15.78
N ARG A 296 0.44 16.32 -15.68
CA ARG A 296 -0.28 16.86 -16.83
C ARG A 296 0.39 18.13 -17.36
N CYS A 297 0.84 18.99 -16.43
CA CYS A 297 1.48 20.25 -16.80
C CYS A 297 2.73 20.00 -17.66
N LEU A 298 3.50 19.00 -17.29
CA LEU A 298 4.77 18.72 -17.95
C LEU A 298 4.57 17.95 -19.24
N GLY A 299 3.35 17.46 -19.44
CA GLY A 299 3.00 16.81 -20.69
C GLY A 299 2.87 15.30 -20.62
N ILE A 300 2.97 14.73 -19.42
CA ILE A 300 2.84 13.30 -19.26
C ILE A 300 1.37 12.93 -19.05
N PRO A 301 0.77 12.19 -20.00
CA PRO A 301 -0.65 11.83 -19.85
C PRO A 301 -0.84 11.11 -18.53
N THR A 302 -1.73 11.60 -17.67
CA THR A 302 -1.87 11.08 -16.31
C THR A 302 -3.32 11.13 -15.86
N ARG A 303 -3.71 10.16 -15.01
CA ARG A 303 -5.04 10.16 -14.44
C ARG A 303 -5.02 9.72 -12.99
N VAL A 304 -5.93 10.27 -12.21
CA VAL A 304 -6.11 9.82 -10.83
C VAL A 304 -6.97 8.56 -10.75
N VAL A 305 -6.52 7.59 -9.94
CA VAL A 305 -7.28 6.36 -9.72
C VAL A 305 -7.55 6.11 -8.25
N THR A 306 -8.70 5.50 -7.97
CA THR A 306 -9.11 5.18 -6.61
C THR A 306 -9.40 3.68 -6.42
N ASN A 307 -8.78 3.10 -5.41
CA ASN A 307 -9.06 1.73 -5.03
C ASN A 307 -9.91 1.73 -3.78
N TYR A 308 -10.97 0.92 -3.77
CA TYR A 308 -11.77 0.74 -2.56
C TYR A 308 -11.49 -0.60 -1.85
N ASN A 309 -11.45 -0.54 -0.53
CA ASN A 309 -11.37 -1.74 0.28
C ASN A 309 -12.60 -1.83 1.20
N SER A 310 -12.90 -3.03 1.69
CA SER A 310 -14.01 -3.21 2.62
C SER A 310 -13.75 -4.31 3.64
N ALA A 311 -14.43 -4.20 4.79
CA ALA A 311 -14.29 -5.18 5.87
C ALA A 311 -15.65 -5.75 6.23
N HIS A 312 -15.63 -6.94 6.84
CA HIS A 312 -16.86 -7.61 7.26
C HIS A 312 -16.61 -8.45 8.49
N SER A 316 -16.30 -9.61 16.04
CA SER A 316 -15.13 -9.31 16.87
C SER A 316 -13.88 -9.97 16.28
N ASN A 317 -13.30 -9.33 15.27
CA ASN A 317 -12.25 -9.92 14.45
C ASN A 317 -10.87 -9.36 14.77
N LEU A 318 -9.88 -10.25 14.98
CA LEU A 318 -8.49 -9.83 15.26
C LEU A 318 -7.98 -8.82 14.23
N LEU A 319 -8.15 -9.14 12.95
CA LEU A 319 -7.77 -8.27 11.85
C LEU A 319 -8.14 -6.82 12.11
N ILE A 320 -9.44 -6.54 12.15
CA ILE A 320 -9.89 -5.18 12.44
C ILE A 320 -9.26 -4.67 13.74
N GLU A 321 -9.26 -5.49 14.79
CA GLU A 321 -8.65 -5.08 16.05
C GLU A 321 -7.21 -4.64 15.83
N TYR A 322 -6.52 -5.34 14.93
CA TYR A 322 -5.14 -5.03 14.56
C TYR A 322 -5.00 -3.59 14.05
N PHE A 323 -5.86 -3.22 13.11
CA PHE A 323 -5.81 -1.91 12.47
C PHE A 323 -6.23 -0.74 13.37
N ARG A 324 -6.93 -1.04 14.46
CA ARG A 324 -7.34 0.03 15.40
C ARG A 324 -6.26 0.33 16.45
N SER A 335 4.02 1.40 9.06
CA SER A 335 2.81 2.22 9.07
C SER A 335 1.91 1.90 7.86
N GLU A 336 1.50 0.64 7.76
CA GLU A 336 0.77 0.12 6.60
C GLU A 336 -0.71 -0.17 6.86
N MET A 337 -1.43 0.85 7.32
CA MET A 337 -2.87 0.77 7.51
C MET A 337 -3.59 0.37 6.22
N ILE A 338 -4.77 -0.24 6.36
CA ILE A 338 -5.69 -0.34 5.23
C ILE A 338 -6.90 0.59 5.42
N TRP A 339 -7.25 1.34 4.38
CA TRP A 339 -8.30 2.37 4.47
C TRP A 339 -9.51 1.96 3.64
N ASN A 340 -10.65 2.62 3.86
CA ASN A 340 -11.80 2.36 2.99
C ASN A 340 -11.51 2.63 1.51
N PHE A 341 -10.66 3.63 1.23
CA PHE A 341 -10.18 3.87 -0.14
C PHE A 341 -8.74 4.41 -0.18
N HIS A 342 -8.13 4.37 -1.36
CA HIS A 342 -6.77 4.84 -1.54
C HIS A 342 -6.56 5.33 -2.99
N CYS A 343 -5.89 6.48 -3.13
CA CYS A 343 -5.72 7.10 -4.44
C CYS A 343 -4.27 7.14 -4.90
N TRP A 344 -4.06 6.99 -6.19
CA TRP A 344 -2.76 7.25 -6.75
C TRP A 344 -2.90 7.78 -8.18
N VAL A 345 -1.83 7.78 -8.95
CA VAL A 345 -1.97 8.12 -10.36
C VAL A 345 -1.37 7.05 -11.26
N GLU A 346 -1.84 7.06 -12.50
CA GLU A 346 -1.20 6.35 -13.57
C GLU A 346 -0.73 7.36 -14.61
N SER A 347 0.46 7.12 -15.16
CA SER A 347 1.00 7.93 -16.26
C SER A 347 1.31 7.02 -17.43
N TRP A 348 1.27 7.59 -18.65
CA TRP A 348 1.39 6.80 -19.87
C TRP A 348 2.76 6.99 -20.49
N MET A 349 3.47 5.89 -20.70
CA MET A 349 4.79 5.94 -21.34
C MET A 349 5.29 4.57 -21.77
N THR A 350 6.27 4.56 -22.65
CA THR A 350 7.04 3.35 -22.95
C THR A 350 7.99 3.04 -21.81
N ARG A 351 8.48 1.81 -21.79
CA ARG A 351 9.44 1.40 -20.76
C ARG A 351 10.64 0.74 -21.42
N PRO A 352 11.51 1.55 -22.07
CA PRO A 352 12.72 0.97 -22.68
C PRO A 352 13.67 0.45 -21.61
N ASP A 353 13.46 0.86 -20.35
CA ASP A 353 14.34 0.43 -19.27
C ASP A 353 13.99 -0.99 -18.79
N LEU A 354 12.91 -1.56 -19.33
CA LEU A 354 12.44 -2.88 -18.92
C LEU A 354 12.41 -3.75 -20.14
N GLN A 355 12.11 -5.04 -19.95
CA GLN A 355 11.92 -5.92 -21.09
C GLN A 355 10.66 -5.49 -21.85
N PRO A 356 10.55 -5.94 -23.10
CA PRO A 356 9.47 -5.53 -24.00
C PRO A 356 8.09 -5.87 -23.44
N GLY A 357 7.07 -5.10 -23.80
CA GLY A 357 5.71 -5.39 -23.41
C GLY A 357 5.20 -4.58 -22.24
N TYR A 358 6.05 -3.75 -21.64
CA TYR A 358 5.64 -2.98 -20.46
C TYR A 358 5.26 -1.52 -20.72
N GLU A 359 5.22 -1.11 -21.98
CA GLU A 359 4.74 0.23 -22.30
C GLU A 359 3.27 0.39 -21.90
N GLY A 360 2.84 1.61 -21.63
CA GLY A 360 1.44 1.89 -21.35
C GLY A 360 1.28 2.55 -19.98
N TRP A 361 0.25 2.15 -19.23
CA TRP A 361 -0.03 2.80 -17.95
C TRP A 361 0.93 2.35 -16.85
N GLN A 362 1.49 3.31 -16.12
CA GLN A 362 2.42 3.03 -15.03
C GLN A 362 1.83 3.61 -13.74
N ALA A 363 1.77 2.81 -12.67
CA ALA A 363 1.28 3.30 -11.39
C ALA A 363 2.36 4.07 -10.64
N LEU A 364 1.99 5.23 -10.09
CA LEU A 364 2.88 6.10 -9.35
C LEU A 364 2.12 6.50 -8.09
N ASP A 365 2.72 6.29 -6.93
CA ASP A 365 2.00 6.52 -5.67
C ASP A 365 2.69 7.55 -4.80
N PRO A 366 2.17 8.77 -4.78
CA PRO A 366 2.73 9.95 -4.12
C PRO A 366 2.38 10.01 -2.64
N THR A 367 1.82 8.92 -2.12
CA THR A 367 1.39 8.85 -0.73
C THR A 367 2.55 8.64 0.24
N PRO A 368 2.50 9.32 1.40
CA PRO A 368 3.45 9.27 2.51
C PRO A 368 3.90 7.87 2.86
N CYS A 377 9.83 8.22 -2.86
CA CYS A 377 9.60 7.87 -4.27
C CYS A 377 8.95 6.48 -4.39
N CYS A 378 7.85 6.41 -5.15
CA CYS A 378 7.12 5.15 -5.35
C CYS A 378 6.57 5.02 -6.80
N GLY A 379 7.16 4.10 -7.56
CA GLY A 379 6.88 3.97 -8.97
C GLY A 379 7.91 4.69 -9.82
N PRO A 380 7.73 4.68 -11.16
CA PRO A 380 6.59 4.07 -11.85
C PRO A 380 6.73 2.56 -12.01
N VAL A 381 5.63 1.83 -11.79
CA VAL A 381 5.58 0.40 -12.08
C VAL A 381 4.48 0.10 -13.12
N PRO A 382 4.79 -0.70 -14.14
CA PRO A 382 3.75 -0.98 -15.13
C PRO A 382 2.56 -1.69 -14.50
N VAL A 383 1.35 -1.18 -14.73
CA VAL A 383 0.15 -1.76 -14.13
C VAL A 383 0.04 -3.24 -14.47
N ARG A 384 0.46 -3.61 -15.68
CA ARG A 384 0.40 -4.98 -16.13
C ARG A 384 1.33 -5.90 -15.33
N ALA A 385 2.46 -5.39 -14.86
CA ALA A 385 3.34 -6.17 -13.99
C ALA A 385 2.67 -6.47 -12.66
N ILE A 386 1.84 -5.54 -12.20
CA ILE A 386 1.06 -5.76 -10.99
C ILE A 386 0.02 -6.86 -11.21
N LYS A 387 -0.68 -6.82 -12.34
CA LYS A 387 -1.71 -7.80 -12.66
C LYS A 387 -1.12 -9.17 -12.89
N GLU A 388 0.15 -9.20 -13.31
CA GLU A 388 0.84 -10.45 -13.61
C GLU A 388 1.65 -11.02 -12.43
N GLY A 389 1.65 -10.30 -11.31
CA GLY A 389 2.47 -10.66 -10.18
C GLY A 389 3.96 -10.77 -10.49
N ASP A 390 4.39 -10.13 -11.57
CA ASP A 390 5.80 -10.07 -11.87
C ASP A 390 6.42 -8.95 -11.01
N LEU A 391 6.64 -9.24 -9.74
CA LEU A 391 6.95 -8.20 -8.75
C LEU A 391 8.42 -7.75 -8.65
N SER A 392 9.28 -8.35 -9.47
CA SER A 392 10.66 -7.90 -9.59
C SER A 392 10.82 -6.71 -10.56
N THR A 393 9.71 -6.28 -11.17
CA THR A 393 9.72 -5.16 -12.12
C THR A 393 9.84 -3.84 -11.38
N LYS A 394 10.87 -3.05 -11.70
CA LYS A 394 11.03 -1.70 -11.15
C LYS A 394 9.96 -0.77 -11.71
N TYR A 395 9.50 0.20 -10.91
CA TYR A 395 9.93 0.42 -9.53
C TYR A 395 8.86 0.10 -8.47
N ASP A 396 9.29 -0.44 -7.33
CA ASP A 396 8.41 -0.62 -6.16
C ASP A 396 7.14 -1.46 -6.41
N ALA A 397 7.22 -2.47 -7.26
CA ALA A 397 6.05 -3.30 -7.56
C ALA A 397 5.35 -3.92 -6.33
N PRO A 398 6.12 -4.46 -5.36
CA PRO A 398 5.38 -5.10 -4.26
C PRO A 398 4.48 -4.12 -3.54
N PHE A 399 4.87 -2.85 -3.44
CA PHE A 399 4.07 -1.86 -2.73
C PHE A 399 2.73 -1.58 -3.42
N VAL A 400 2.76 -1.46 -4.75
CA VAL A 400 1.52 -1.25 -5.48
C VAL A 400 0.66 -2.54 -5.45
N PHE A 401 1.30 -3.69 -5.56
CA PHE A 401 0.61 -4.97 -5.48
C PHE A 401 -0.15 -5.14 -4.16
N ALA A 402 0.46 -4.70 -3.07
CA ALA A 402 -0.15 -4.79 -1.75
C ALA A 402 -1.31 -3.82 -1.58
N GLU A 403 -1.37 -2.77 -2.39
CA GLU A 403 -2.52 -1.87 -2.35
C GLU A 403 -3.80 -2.51 -2.92
N VAL A 404 -3.65 -3.43 -3.87
CA VAL A 404 -4.80 -4.05 -4.54
C VAL A 404 -4.95 -5.57 -4.27
N ASN A 405 -4.08 -6.13 -3.44
CA ASN A 405 -4.21 -7.54 -3.06
C ASN A 405 -4.10 -7.80 -1.55
N ALA A 406 -4.86 -8.80 -1.09
CA ALA A 406 -4.71 -9.33 0.26
C ALA A 406 -5.15 -10.77 0.27
N ASP A 407 -4.30 -11.60 0.84
CA ASP A 407 -4.51 -13.03 0.93
C ASP A 407 -4.75 -13.34 2.40
N VAL A 408 -5.99 -13.70 2.73
CA VAL A 408 -6.37 -13.94 4.12
C VAL A 408 -6.86 -15.37 4.33
N VAL A 409 -6.15 -16.11 5.17
CA VAL A 409 -6.40 -17.53 5.38
C VAL A 409 -6.64 -17.84 6.85
N ASP A 410 -7.61 -18.74 7.08
CA ASP A 410 -8.04 -19.14 8.42
C ASP A 410 -7.48 -20.48 8.84
N TRP A 411 -7.28 -20.61 10.13
CA TRP A 411 -7.17 -21.90 10.78
C TRP A 411 -7.96 -21.72 12.05
N ILE A 412 -9.28 -21.79 11.90
CA ILE A 412 -10.17 -21.61 13.03
C ILE A 412 -10.64 -22.99 13.47
N GLN A 413 -9.70 -23.77 13.98
CA GLN A 413 -9.94 -25.14 14.41
C GLN A 413 -10.07 -25.20 15.93
N LYS A 421 -8.13 -24.99 7.63
CA LYS A 421 -7.46 -24.20 6.59
C LYS A 421 -8.44 -23.69 5.53
N SER A 422 -9.15 -22.61 5.84
CA SER A 422 -10.13 -22.05 4.93
C SER A 422 -9.81 -20.60 4.55
N ILE A 423 -10.39 -20.15 3.43
CA ILE A 423 -10.25 -18.77 2.97
C ILE A 423 -11.15 -17.81 3.74
N ASN A 424 -10.55 -16.77 4.30
CA ASN A 424 -11.28 -15.77 5.06
C ASN A 424 -11.62 -14.57 4.16
N ARG A 425 -12.91 -14.24 4.08
CA ARG A 425 -13.39 -13.15 3.22
C ARG A 425 -13.93 -12.02 4.07
N SER A 426 -13.36 -11.84 5.26
CA SER A 426 -13.76 -10.73 6.12
C SER A 426 -13.00 -9.47 5.74
N LEU A 427 -11.85 -9.64 5.10
CA LEU A 427 -11.13 -8.50 4.54
C LEU A 427 -11.07 -8.62 3.03
N ILE A 428 -11.52 -7.58 2.36
CA ILE A 428 -11.54 -7.58 0.90
C ILE A 428 -10.88 -6.32 0.30
N VAL A 429 -9.76 -6.52 -0.39
CA VAL A 429 -8.99 -5.42 -0.94
C VAL A 429 -8.93 -5.44 -2.46
N GLY A 430 -9.12 -4.27 -3.06
CA GLY A 430 -9.01 -4.11 -4.51
C GLY A 430 -10.36 -4.25 -5.18
N LEU A 431 -11.26 -3.35 -4.85
CA LEU A 431 -12.59 -3.39 -5.44
C LEU A 431 -12.88 -2.07 -6.18
N LYS A 432 -13.59 -2.19 -7.30
CA LYS A 432 -14.13 -1.03 -7.97
C LYS A 432 -13.08 0.03 -8.25
N ILE A 433 -11.90 -0.40 -8.70
CA ILE A 433 -10.86 0.56 -9.04
C ILE A 433 -11.37 1.51 -10.13
N SER A 434 -11.30 2.81 -9.84
CA SER A 434 -12.06 3.80 -10.59
C SER A 434 -11.24 4.98 -11.09
N THR A 435 -11.63 5.48 -12.26
CA THR A 435 -11.05 6.70 -12.81
C THR A 435 -12.04 7.29 -13.83
N LYS A 436 -11.96 8.60 -14.06
CA LYS A 436 -12.91 9.31 -14.94
C LYS A 436 -12.87 8.82 -16.39
N SER A 437 -14.05 8.67 -16.99
CA SER A 437 -14.14 8.30 -18.40
C SER A 437 -13.58 9.38 -19.31
N VAL A 438 -13.03 8.95 -20.45
CA VAL A 438 -12.53 9.87 -21.46
C VAL A 438 -13.65 10.75 -22.02
N GLY A 439 -13.55 12.06 -21.79
CA GLY A 439 -14.38 13.05 -22.46
C GLY A 439 -15.85 13.05 -22.05
N ARG A 440 -16.14 12.41 -20.93
CA ARG A 440 -17.50 12.27 -20.46
C ARG A 440 -17.46 12.39 -18.94
N ASP A 441 -18.54 12.92 -18.36
CA ASP A 441 -18.62 13.05 -16.91
C ASP A 441 -19.14 11.76 -16.27
N GLU A 442 -18.34 10.70 -16.33
CA GLU A 442 -18.74 9.45 -15.71
C GLU A 442 -17.52 8.64 -15.32
N ARG A 443 -17.77 7.56 -14.61
CA ARG A 443 -16.76 6.75 -13.97
C ARG A 443 -16.38 5.56 -14.85
N GLU A 444 -15.09 5.33 -15.04
CA GLU A 444 -14.64 4.09 -15.67
C GLU A 444 -14.05 3.14 -14.61
N ASP A 445 -14.53 1.91 -14.60
CA ASP A 445 -14.02 0.89 -13.67
C ASP A 445 -12.89 0.13 -14.35
N ILE A 446 -11.70 0.22 -13.77
CA ILE A 446 -10.50 -0.39 -14.34
C ILE A 446 -9.95 -1.48 -13.42
N THR A 447 -10.81 -2.09 -12.63
CA THR A 447 -10.41 -3.19 -11.77
C THR A 447 -9.66 -4.26 -12.60
N HIS A 448 -10.13 -4.50 -13.81
CA HIS A 448 -9.59 -5.57 -14.67
C HIS A 448 -8.12 -5.40 -15.04
N THR A 449 -7.66 -4.15 -15.15
CA THR A 449 -6.27 -3.86 -15.49
C THR A 449 -5.30 -4.26 -14.35
N TYR A 450 -5.80 -4.25 -13.13
CA TYR A 450 -4.98 -4.61 -11.98
C TYR A 450 -5.09 -6.10 -11.58
N LYS A 451 -6.29 -6.68 -11.66
CA LYS A 451 -6.42 -8.08 -11.25
C LYS A 451 -7.28 -9.00 -12.16
N TYR A 452 -6.82 -10.24 -12.30
CA TYR A 452 -7.59 -11.23 -13.03
C TYR A 452 -8.88 -11.57 -12.28
N PRO A 453 -9.87 -12.08 -13.00
CA PRO A 453 -11.11 -12.45 -12.32
C PRO A 453 -10.81 -13.47 -11.19
N GLU A 454 -11.42 -13.27 -10.02
CA GLU A 454 -11.23 -14.20 -8.90
C GLU A 454 -11.58 -15.65 -9.27
N GLY A 455 -10.60 -16.54 -9.12
CA GLY A 455 -10.81 -17.95 -9.40
C GLY A 455 -10.27 -18.45 -10.73
N SER A 456 -9.77 -17.54 -11.56
CA SER A 456 -9.28 -17.94 -12.88
C SER A 456 -7.88 -18.54 -12.80
N SER A 457 -7.49 -19.25 -13.85
CA SER A 457 -6.14 -19.80 -13.92
C SER A 457 -5.08 -18.68 -13.97
N GLU A 458 -5.41 -17.60 -14.67
CA GLU A 458 -4.48 -16.47 -14.79
C GLU A 458 -4.30 -15.76 -13.43
N GLU A 459 -5.37 -15.66 -12.66
CA GLU A 459 -5.27 -15.10 -11.32
C GLU A 459 -4.35 -15.95 -10.44
N ARG A 460 -4.53 -17.26 -10.53
CA ARG A 460 -3.78 -18.15 -9.66
C ARG A 460 -2.31 -18.19 -10.05
N GLU A 461 -2.01 -18.23 -11.35
CA GLU A 461 -0.63 -18.27 -11.78
C GLU A 461 0.09 -16.94 -11.57
N ALA A 462 -0.66 -15.85 -11.44
CA ALA A 462 -0.09 -14.56 -11.08
C ALA A 462 0.20 -14.53 -9.59
N PHE A 463 -0.67 -15.18 -8.82
CA PHE A 463 -0.48 -15.31 -7.38
C PHE A 463 0.84 -16.04 -7.16
N THR A 464 1.05 -17.09 -7.93
CA THR A 464 2.25 -17.91 -7.84
C THR A 464 3.51 -17.11 -8.20
N ARG A 465 3.50 -16.44 -9.33
CA ARG A 465 4.66 -15.64 -9.72
C ARG A 465 5.01 -14.61 -8.66
N ALA A 466 3.98 -14.09 -7.99
CA ALA A 466 4.14 -13.11 -6.93
C ALA A 466 4.72 -13.67 -5.63
N ASN A 467 4.48 -14.96 -5.37
CA ASN A 467 4.88 -15.57 -4.11
C ASN A 467 6.05 -16.54 -4.22
N HIS A 468 6.48 -16.82 -5.45
CA HIS A 468 7.48 -17.86 -5.70
C HIS A 468 6.96 -19.24 -5.32
N GLY A 479 3.16 -21.69 1.53
CA GLY A 479 3.11 -22.95 2.24
C GLY A 479 3.14 -22.75 3.74
N MET A 480 3.14 -21.48 4.16
CA MET A 480 3.16 -21.13 5.57
C MET A 480 1.87 -21.54 6.28
N ALA A 481 2.00 -22.07 7.49
CA ALA A 481 0.87 -22.55 8.28
C ALA A 481 1.00 -22.16 9.77
N MET A 482 -0.13 -22.03 10.46
CA MET A 482 -0.12 -21.63 11.87
C MET A 482 -1.34 -22.16 12.63
N ARG A 483 -1.08 -22.93 13.69
CA ARG A 483 -2.13 -23.40 14.59
C ARG A 483 -1.77 -23.10 16.04
N ILE A 484 -2.79 -23.09 16.89
CA ILE A 484 -2.59 -22.84 18.30
C ILE A 484 -2.39 -24.16 19.06
N ARG A 485 -1.41 -24.18 19.96
CA ARG A 485 -1.02 -25.39 20.68
C ARG A 485 -0.85 -25.08 22.16
N VAL A 486 -1.04 -26.10 23.00
CA VAL A 486 -0.94 -25.96 24.45
C VAL A 486 0.22 -26.74 25.06
N GLY A 487 0.34 -28.03 24.74
CA GLY A 487 1.47 -28.82 25.19
C GLY A 487 1.26 -29.75 26.39
N GLN A 488 0.31 -29.40 27.26
CA GLN A 488 0.02 -30.22 28.45
C GLN A 488 -1.33 -29.86 29.06
N SER A 489 -1.72 -30.63 30.09
CA SER A 489 -2.96 -30.40 30.82
C SER A 489 -3.16 -28.95 31.27
N MET A 490 -4.40 -28.48 31.19
CA MET A 490 -4.73 -27.10 31.58
C MET A 490 -5.78 -27.10 32.67
N ASN A 491 -5.46 -26.47 33.80
CA ASN A 491 -6.35 -26.53 34.96
C ASN A 491 -6.71 -25.18 35.54
N MET A 492 -7.95 -25.07 35.99
CA MET A 492 -8.41 -23.87 36.67
C MET A 492 -7.50 -23.60 37.87
N GLY A 493 -6.94 -22.40 37.94
CA GLY A 493 -6.05 -22.04 39.01
C GLY A 493 -4.57 -22.06 38.66
N SER A 494 -4.21 -22.77 37.60
CA SER A 494 -2.80 -22.87 37.22
C SER A 494 -2.43 -21.87 36.12
N ASP A 495 -1.16 -21.48 36.08
CA ASP A 495 -0.61 -20.66 35.01
C ASP A 495 -0.10 -21.61 33.94
N PHE A 496 -0.10 -21.19 32.69
CA PHE A 496 0.35 -22.07 31.61
C PHE A 496 0.61 -21.27 30.34
N ASP A 497 1.48 -21.79 29.48
CA ASP A 497 1.76 -21.10 28.22
C ASP A 497 0.82 -21.55 27.13
N VAL A 498 0.50 -20.64 26.20
CA VAL A 498 -0.10 -21.03 24.94
C VAL A 498 0.85 -20.65 23.83
N PHE A 499 0.76 -21.36 22.72
CA PHE A 499 1.73 -21.22 21.65
C PHE A 499 1.07 -20.95 20.30
N ALA A 500 1.62 -19.99 19.56
CA ALA A 500 1.34 -19.90 18.15
C ALA A 500 2.41 -20.73 17.47
N HIS A 501 2.04 -21.92 17.01
CA HIS A 501 2.96 -22.80 16.32
C HIS A 501 2.91 -22.46 14.84
N ILE A 502 4.03 -21.99 14.31
CA ILE A 502 4.08 -21.53 12.94
C ILE A 502 5.05 -22.38 12.13
N THR A 503 4.57 -22.92 11.02
CA THR A 503 5.42 -23.71 10.14
C THR A 503 5.71 -22.96 8.84
N ASN A 504 6.93 -23.09 8.33
CA ASN A 504 7.31 -22.45 7.08
C ASN A 504 8.02 -23.40 6.14
N ASN A 505 7.27 -24.34 5.56
CA ASN A 505 7.84 -25.25 4.57
C ASN A 505 7.92 -24.62 3.18
N THR A 506 8.60 -23.48 3.09
CA THR A 506 8.97 -22.91 1.81
C THR A 506 10.46 -22.63 1.84
N ALA A 507 11.01 -22.29 0.67
CA ALA A 507 12.41 -21.95 0.58
C ALA A 507 12.61 -20.47 0.88
N GLU A 508 11.51 -19.76 1.11
CA GLU A 508 11.58 -18.31 1.34
C GLU A 508 11.85 -17.95 2.79
N GLU A 509 12.31 -16.71 3.00
CA GLU A 509 12.47 -16.16 4.34
C GLU A 509 11.42 -15.08 4.51
N TYR A 510 10.73 -15.09 5.64
CA TYR A 510 9.64 -14.17 5.89
C TYR A 510 9.90 -13.30 7.11
N VAL A 511 9.46 -12.05 7.05
CA VAL A 511 9.43 -11.22 8.24
C VAL A 511 7.99 -10.78 8.49
N CYS A 512 7.44 -11.21 9.62
CA CYS A 512 6.03 -10.96 9.91
C CYS A 512 5.77 -10.24 11.21
N ARG A 513 4.62 -9.57 11.26
CA ARG A 513 4.07 -9.09 12.52
C ARG A 513 3.29 -10.24 13.13
N LEU A 514 3.32 -10.34 14.46
CA LEU A 514 2.54 -11.34 15.16
C LEU A 514 1.77 -10.70 16.30
N LEU A 515 0.47 -10.95 16.32
CA LEU A 515 -0.39 -10.58 17.43
C LEU A 515 -0.97 -11.89 17.99
N LEU A 516 -0.73 -12.12 19.27
CA LEU A 516 -1.17 -13.35 19.89
C LEU A 516 -1.77 -12.96 21.23
N CYS A 517 -3.00 -13.39 21.48
CA CYS A 517 -3.73 -12.89 22.63
C CYS A 517 -4.92 -13.76 23.03
N ALA A 518 -5.32 -13.62 24.28
CA ALA A 518 -6.33 -14.50 24.85
C ALA A 518 -7.39 -13.69 25.60
N ARG A 519 -8.63 -14.17 25.52
CA ARG A 519 -9.73 -13.57 26.25
C ARG A 519 -10.64 -14.66 26.74
N THR A 520 -11.35 -14.40 27.83
CA THR A 520 -12.37 -15.33 28.27
C THR A 520 -13.48 -15.33 27.25
N VAL A 521 -14.22 -16.42 27.19
CA VAL A 521 -15.35 -16.50 26.28
C VAL A 521 -16.45 -17.38 26.90
N SER A 522 -17.71 -16.96 26.76
CA SER A 522 -18.84 -17.68 27.30
C SER A 522 -19.24 -18.86 26.42
N TYR A 523 -20.02 -19.75 27.02
CA TYR A 523 -20.61 -20.90 26.32
C TYR A 523 -21.49 -20.43 25.16
N ASN A 524 -21.96 -19.18 25.23
CA ASN A 524 -22.77 -18.61 24.16
C ASN A 524 -21.94 -17.97 23.06
N GLY A 525 -20.63 -17.86 23.28
CA GLY A 525 -19.73 -17.36 22.26
C GLY A 525 -19.39 -15.89 22.37
N ILE A 526 -19.83 -15.27 23.47
CA ILE A 526 -19.52 -13.86 23.73
C ILE A 526 -18.14 -13.74 24.36
N LEU A 527 -17.39 -12.71 24.00
CA LEU A 527 -16.01 -12.59 24.48
C LEU A 527 -15.89 -11.72 25.72
N GLY A 528 -15.20 -12.25 26.74
CA GLY A 528 -14.88 -11.50 27.93
C GLY A 528 -13.66 -10.59 27.71
N PRO A 529 -13.12 -10.05 28.82
CA PRO A 529 -11.94 -9.17 28.86
C PRO A 529 -10.64 -9.89 28.54
N GLU A 530 -9.67 -9.16 28.00
CA GLU A 530 -8.36 -9.72 27.64
C GLU A 530 -7.60 -10.25 28.85
N CYS A 531 -6.94 -11.40 28.68
CA CYS A 531 -6.19 -11.98 29.78
C CYS A 531 -4.80 -12.45 29.35
N GLY A 532 -4.29 -11.83 28.29
CA GLY A 532 -2.93 -12.05 27.81
C GLY A 532 -2.73 -11.48 26.40
N THR A 533 -1.62 -10.77 26.19
CA THR A 533 -1.28 -10.29 24.84
C THR A 533 0.21 -10.26 24.59
N LYS A 534 0.62 -10.75 23.43
CA LYS A 534 2.00 -10.64 22.98
C LYS A 534 1.99 -10.09 21.56
N TYR A 535 2.63 -8.95 21.37
CA TYR A 535 2.80 -8.39 20.04
C TYR A 535 4.26 -8.51 19.64
N LEU A 536 4.52 -8.95 18.43
CA LEU A 536 5.88 -8.82 17.88
C LEU A 536 5.96 -8.11 16.51
N LEU A 537 6.60 -6.94 16.50
CA LEU A 537 6.75 -6.16 15.28
C LEU A 537 7.39 -6.97 14.16
N ASN A 538 8.44 -7.72 14.50
CA ASN A 538 9.26 -8.35 13.47
C ASN A 538 9.75 -9.75 13.83
N LEU A 539 8.89 -10.73 13.58
CA LEU A 539 9.19 -12.13 13.81
C LEU A 539 9.76 -12.71 12.52
N ASN A 540 10.93 -13.34 12.61
CA ASN A 540 11.59 -13.91 11.44
C ASN A 540 11.35 -15.41 11.28
N LEU A 541 11.08 -15.80 10.04
CA LEU A 541 10.87 -17.21 9.72
C LEU A 541 11.87 -17.69 8.68
N GLU A 542 12.78 -18.55 9.10
CA GLU A 542 13.76 -19.11 8.17
C GLU A 542 13.10 -20.13 7.27
N PRO A 543 13.71 -20.38 6.11
CA PRO A 543 13.15 -21.43 5.24
C PRO A 543 13.09 -22.78 5.94
N PHE A 544 12.10 -23.58 5.54
CA PHE A 544 11.92 -24.93 6.06
C PHE A 544 12.13 -25.05 7.57
N SER A 545 11.47 -24.19 8.32
CA SER A 545 11.62 -24.18 9.77
C SER A 545 10.27 -23.98 10.44
N GLU A 546 10.27 -24.03 11.77
CA GLU A 546 9.07 -23.77 12.55
C GLU A 546 9.41 -23.07 13.86
N LYS A 547 8.37 -22.64 14.56
CA LYS A 547 8.50 -21.94 15.83
C LYS A 547 7.24 -22.19 16.65
N SER A 548 7.43 -22.25 17.97
CA SER A 548 6.31 -22.20 18.89
C SER A 548 6.49 -20.97 19.74
N VAL A 549 5.73 -19.93 19.42
CA VAL A 549 5.81 -18.66 20.12
C VAL A 549 4.84 -18.68 21.29
N PRO A 550 5.37 -18.48 22.51
CA PRO A 550 4.55 -18.63 23.71
C PRO A 550 3.92 -17.34 24.21
N LEU A 551 2.76 -17.48 24.84
CA LEU A 551 2.11 -16.44 25.62
C LEU A 551 1.71 -17.07 26.95
N CYS A 552 2.05 -16.40 28.05
CA CYS A 552 1.78 -16.92 29.37
C CYS A 552 0.40 -16.47 29.85
N ILE A 553 -0.46 -17.44 30.17
CA ILE A 553 -1.78 -17.13 30.68
C ILE A 553 -1.74 -17.23 32.19
N LEU A 554 -1.95 -16.11 32.87
CA LEU A 554 -1.81 -16.08 34.32
C LEU A 554 -3.14 -16.14 35.00
N TYR A 555 -3.24 -17.05 35.97
CA TYR A 555 -4.42 -17.13 36.82
C TYR A 555 -4.80 -15.74 37.32
N GLU A 556 -3.83 -15.03 37.88
CA GLU A 556 -4.02 -13.67 38.37
C GLU A 556 -4.73 -12.75 37.36
N LYS A 557 -4.47 -12.96 36.07
CA LYS A 557 -5.08 -12.11 35.05
C LYS A 557 -6.45 -12.60 34.56
N TYR A 558 -6.67 -13.91 34.60
CA TYR A 558 -7.96 -14.43 34.17
C TYR A 558 -8.94 -14.71 35.31
N ARG A 559 -8.43 -14.98 36.51
CA ARG A 559 -9.29 -15.31 37.65
C ARG A 559 -10.50 -14.37 37.76
N ASP A 560 -10.22 -13.08 37.72
CA ASP A 560 -11.26 -12.07 37.94
C ASP A 560 -12.26 -11.95 36.79
N CYS A 561 -11.86 -12.33 35.59
CA CYS A 561 -12.67 -12.05 34.40
C CYS A 561 -13.18 -13.29 33.65
N LEU A 562 -13.45 -14.37 34.37
CA LEU A 562 -13.93 -15.60 33.73
C LEU A 562 -15.45 -15.59 33.57
N THR A 563 -15.94 -16.25 32.51
CA THR A 563 -17.37 -16.36 32.25
C THR A 563 -17.96 -17.49 33.09
N GLU A 564 -19.18 -17.91 32.75
CA GLU A 564 -19.81 -19.06 33.40
C GLU A 564 -19.04 -20.33 33.09
N SER A 565 -18.34 -20.32 31.96
CA SER A 565 -17.54 -21.45 31.52
C SER A 565 -16.12 -21.35 32.07
N ASN A 566 -15.36 -22.40 31.87
CA ASN A 566 -13.94 -22.36 32.16
C ASN A 566 -13.15 -22.17 30.87
N LEU A 567 -13.71 -21.36 29.97
CA LEU A 567 -13.21 -21.22 28.60
C LEU A 567 -12.42 -19.96 28.36
N ILE A 568 -11.32 -20.10 27.63
CA ILE A 568 -10.56 -18.95 27.14
C ILE A 568 -10.34 -19.11 25.64
N LYS A 569 -10.53 -18.04 24.89
CA LYS A 569 -10.27 -18.08 23.44
C LYS A 569 -8.88 -17.52 23.11
N VAL A 570 -8.04 -18.35 22.51
CA VAL A 570 -6.74 -17.87 22.05
C VAL A 570 -6.80 -17.52 20.57
N ARG A 571 -6.41 -16.30 20.23
CA ARG A 571 -6.31 -15.89 18.82
C ARG A 571 -4.92 -15.38 18.44
N ALA A 572 -4.48 -15.76 17.25
CA ALA A 572 -3.22 -15.31 16.67
C ALA A 572 -3.43 -14.73 15.27
N LEU A 573 -2.59 -13.76 14.90
CA LEU A 573 -2.63 -13.16 13.58
C LEU A 573 -1.21 -12.92 13.10
N LEU A 574 -0.84 -13.58 12.02
CA LEU A 574 0.46 -13.39 11.41
C LEU A 574 0.34 -12.54 10.13
N VAL A 575 1.09 -11.44 10.06
CA VAL A 575 1.03 -10.54 8.91
C VAL A 575 2.36 -10.48 8.16
N GLU A 576 2.34 -10.88 6.89
CA GLU A 576 3.47 -10.69 5.99
C GLU A 576 3.13 -9.52 5.08
N PRO A 577 3.60 -8.32 5.46
CA PRO A 577 3.18 -7.05 4.87
C PRO A 577 3.72 -6.73 3.46
N VAL A 578 4.62 -7.53 2.92
CA VAL A 578 5.14 -7.18 1.60
C VAL A 578 4.18 -7.63 0.49
N ILE A 579 3.83 -8.91 0.49
CA ILE A 579 2.81 -9.40 -0.42
C ILE A 579 1.43 -9.03 0.14
N ASN A 580 1.37 -8.76 1.44
CA ASN A 580 0.12 -8.42 2.13
C ASN A 580 -0.71 -9.67 2.48
N SER A 581 -0.05 -10.67 3.08
CA SER A 581 -0.72 -11.91 3.49
C SER A 581 -1.03 -11.89 4.98
N TYR A 582 -2.14 -12.54 5.33
CA TYR A 582 -2.66 -12.57 6.70
C TYR A 582 -3.04 -14.00 7.08
N LEU A 583 -2.52 -14.46 8.21
CA LEU A 583 -2.84 -15.77 8.76
C LEU A 583 -3.53 -15.63 10.10
N LEU A 584 -4.73 -16.19 10.21
CA LEU A 584 -5.40 -16.27 11.49
C LEU A 584 -5.46 -17.71 11.97
N ALA A 585 -5.36 -17.88 13.28
CA ALA A 585 -5.59 -19.16 13.93
C ALA A 585 -6.35 -18.86 15.23
N GLU A 586 -7.26 -19.74 15.60
CA GLU A 586 -8.08 -19.48 16.76
C GLU A 586 -8.44 -20.81 17.42
N ARG A 587 -8.44 -20.82 18.75
CA ARG A 587 -8.72 -22.04 19.48
C ARG A 587 -9.24 -21.72 20.89
N ASP A 588 -10.38 -22.33 21.22
CA ASP A 588 -10.96 -22.22 22.57
C ASP A 588 -10.31 -23.24 23.52
N LEU A 589 -10.00 -22.82 24.73
CA LEU A 589 -9.44 -23.72 25.73
C LEU A 589 -10.34 -23.83 26.95
N TYR A 590 -10.44 -25.05 27.47
CA TYR A 590 -11.22 -25.34 28.67
C TYR A 590 -10.28 -25.54 29.87
N LEU A 591 -10.46 -24.75 30.91
CA LEU A 591 -9.67 -24.91 32.13
C LEU A 591 -10.32 -25.94 33.06
N GLU A 592 -9.79 -27.17 33.06
CA GLU A 592 -10.35 -28.26 33.84
C GLU A 592 -10.53 -27.93 35.31
N ASN A 593 -11.64 -28.38 35.87
CA ASN A 593 -11.85 -28.38 37.31
C ASN A 593 -11.00 -29.49 37.94
N PRO A 594 -10.71 -29.35 39.25
CA PRO A 594 -10.01 -30.43 39.94
C PRO A 594 -10.82 -31.72 39.87
N GLU A 595 -10.18 -32.87 39.74
CA GLU A 595 -10.88 -34.15 39.77
C GLU A 595 -11.21 -34.53 41.22
N ILE A 596 -12.42 -35.03 41.43
CA ILE A 596 -12.79 -35.56 42.75
C ILE A 596 -12.48 -37.06 42.81
N LYS A 597 -11.56 -37.40 43.71
CA LYS A 597 -11.16 -38.80 43.92
C LYS A 597 -12.07 -39.44 44.96
N ILE A 598 -12.64 -40.58 44.61
CA ILE A 598 -13.54 -41.32 45.49
C ILE A 598 -13.00 -42.73 45.78
N ARG A 599 -12.54 -42.94 47.00
CA ARG A 599 -11.97 -44.23 47.42
C ARG A 599 -13.01 -45.12 48.10
N ILE A 600 -13.15 -46.34 47.60
CA ILE A 600 -14.07 -47.31 48.20
C ILE A 600 -13.36 -48.22 49.21
N LEU A 601 -13.71 -48.05 50.48
CA LEU A 601 -13.03 -48.77 51.55
C LEU A 601 -13.84 -49.95 52.08
N GLY A 602 -13.32 -51.15 51.85
CA GLY A 602 -13.97 -52.36 52.34
C GLY A 602 -14.02 -53.41 51.24
N GLU A 603 -15.22 -53.92 51.00
CA GLU A 603 -15.44 -54.88 49.91
C GLU A 603 -16.92 -54.95 49.58
N PRO A 604 -17.24 -54.85 48.28
CA PRO A 604 -18.61 -54.73 47.76
C PRO A 604 -19.48 -55.94 48.10
N LYS A 605 -19.94 -56.00 49.34
CA LYS A 605 -20.70 -57.16 49.82
C LYS A 605 -22.21 -56.94 49.72
N GLN A 606 -22.86 -57.71 48.85
CA GLN A 606 -24.31 -57.75 48.80
C GLN A 606 -24.88 -57.87 50.21
N LYS A 607 -23.99 -58.14 51.16
CA LYS A 607 -24.30 -58.09 52.57
C LYS A 607 -24.51 -56.65 53.03
N ARG A 608 -23.47 -56.03 53.62
CA ARG A 608 -23.63 -54.71 54.21
C ARG A 608 -22.33 -54.01 54.63
N LYS A 609 -22.46 -52.71 54.93
CA LYS A 609 -21.37 -51.90 55.49
C LYS A 609 -20.24 -51.60 54.52
N LEU A 610 -20.12 -50.32 54.13
CA LEU A 610 -19.05 -49.86 53.24
C LEU A 610 -18.70 -48.39 53.52
N VAL A 611 -17.43 -48.05 53.41
CA VAL A 611 -17.00 -46.67 53.61
C VAL A 611 -16.35 -46.05 52.37
N ALA A 612 -16.84 -44.88 51.98
CA ALA A 612 -16.30 -44.18 50.83
C ALA A 612 -15.59 -42.91 51.26
N GLU A 613 -14.40 -42.71 50.72
CA GLU A 613 -13.62 -41.54 51.02
C GLU A 613 -13.51 -40.65 49.78
N VAL A 614 -13.76 -39.37 49.95
CA VAL A 614 -13.68 -38.44 48.84
C VAL A 614 -12.76 -37.29 49.16
N SER A 615 -11.93 -36.93 48.17
CA SER A 615 -10.98 -35.84 48.34
C SER A 615 -10.85 -34.97 47.09
N LEU A 616 -10.26 -33.80 47.28
CA LEU A 616 -10.07 -32.83 46.22
C LEU A 616 -8.85 -31.99 46.58
N GLN A 617 -7.84 -32.01 45.72
CA GLN A 617 -6.66 -31.16 45.96
C GLN A 617 -6.96 -29.78 45.42
N ASN A 618 -6.77 -28.77 46.27
CA ASN A 618 -6.99 -27.39 45.88
C ASN A 618 -6.04 -26.99 44.74
N PRO A 619 -6.61 -26.49 43.63
CA PRO A 619 -5.83 -26.22 42.41
C PRO A 619 -5.44 -24.75 42.32
N LEU A 620 -6.04 -23.92 43.16
CA LEU A 620 -5.79 -22.50 43.15
C LEU A 620 -4.54 -22.21 43.96
N PRO A 621 -3.90 -21.07 43.65
CA PRO A 621 -2.74 -20.59 44.41
C PRO A 621 -3.22 -19.86 45.65
N VAL A 622 -4.54 -19.88 45.84
CA VAL A 622 -5.16 -19.20 46.97
C VAL A 622 -6.05 -20.20 47.70
N ALA A 623 -6.38 -19.90 48.95
CA ALA A 623 -7.14 -20.84 49.78
C ALA A 623 -8.65 -20.77 49.54
N LEU A 624 -9.31 -21.91 49.73
CA LEU A 624 -10.76 -22.03 49.54
C LEU A 624 -11.50 -21.88 50.85
N GLU A 625 -12.54 -21.06 50.86
CA GLU A 625 -13.40 -20.94 52.04
C GLU A 625 -14.82 -21.45 51.80
N GLY A 626 -15.43 -21.99 52.86
CA GLY A 626 -16.79 -22.49 52.81
C GLY A 626 -16.86 -23.78 52.02
N CYS A 627 -16.06 -24.77 52.42
CA CYS A 627 -15.93 -26.00 51.67
C CYS A 627 -16.86 -27.09 52.18
N THR A 628 -17.70 -27.59 51.28
CA THR A 628 -18.69 -28.58 51.64
C THR A 628 -18.87 -29.61 50.55
N PHE A 629 -18.69 -30.89 50.89
CA PHE A 629 -19.02 -31.95 49.97
C PHE A 629 -20.50 -32.30 50.10
N THR A 630 -21.03 -32.92 49.06
CA THR A 630 -22.35 -33.49 49.10
C THR A 630 -22.32 -34.78 48.32
N VAL A 631 -22.70 -35.87 48.97
CA VAL A 631 -22.71 -37.17 48.32
C VAL A 631 -24.11 -37.76 48.31
N GLU A 632 -24.41 -38.53 47.28
CA GLU A 632 -25.62 -39.32 47.29
C GLU A 632 -25.57 -40.36 46.18
N GLY A 633 -26.39 -41.39 46.33
CA GLY A 633 -26.40 -42.48 45.38
C GLY A 633 -27.32 -43.61 45.79
N ALA A 634 -28.52 -43.61 45.22
CA ALA A 634 -29.47 -44.69 45.40
C ALA A 634 -28.76 -46.03 45.18
N GLY A 635 -29.00 -46.96 46.10
CA GLY A 635 -28.36 -48.26 46.08
C GLY A 635 -27.12 -48.31 46.95
N LEU A 636 -26.73 -47.15 47.49
CA LEU A 636 -25.52 -47.05 48.31
C LEU A 636 -25.79 -46.34 49.64
N THR A 637 -26.19 -45.07 49.57
CA THR A 637 -26.64 -44.38 50.77
C THR A 637 -28.16 -44.18 50.73
N GLU A 638 -28.79 -44.25 51.88
CA GLU A 638 -30.24 -44.11 51.96
C GLU A 638 -30.57 -42.65 52.16
N GLU A 639 -29.64 -41.95 52.82
CA GLU A 639 -29.81 -40.53 53.07
C GLU A 639 -28.61 -39.77 52.57
N GLN A 640 -28.88 -38.73 51.77
CA GLN A 640 -27.83 -37.84 51.32
C GLN A 640 -27.04 -37.31 52.51
N LYS A 641 -25.76 -37.02 52.30
CA LYS A 641 -24.94 -36.50 53.39
C LYS A 641 -24.10 -35.31 52.95
N THR A 642 -24.39 -34.16 53.53
CA THR A 642 -23.61 -32.94 53.32
C THR A 642 -22.60 -32.77 54.46
N VAL A 643 -21.38 -32.40 54.11
CA VAL A 643 -20.36 -32.18 55.12
C VAL A 643 -19.67 -30.84 54.95
N GLU A 644 -19.81 -29.98 55.96
CA GLU A 644 -19.14 -28.69 55.98
C GLU A 644 -17.73 -28.88 56.48
N ILE A 645 -16.75 -28.39 55.73
CA ILE A 645 -15.37 -28.43 56.20
C ILE A 645 -15.09 -27.15 56.97
N PRO A 646 -14.62 -27.31 58.22
CA PRO A 646 -14.51 -26.24 59.23
C PRO A 646 -13.47 -25.19 58.85
N ASP A 647 -12.23 -25.62 58.67
CA ASP A 647 -11.14 -24.70 58.33
C ASP A 647 -11.07 -24.52 56.82
N PRO A 648 -10.53 -23.37 56.37
CA PRO A 648 -10.29 -23.15 54.95
C PRO A 648 -9.27 -24.15 54.41
N VAL A 649 -9.31 -24.44 53.12
CA VAL A 649 -8.32 -25.32 52.51
C VAL A 649 -7.23 -24.51 51.80
N GLU A 650 -5.99 -24.77 52.18
CA GLU A 650 -4.86 -24.02 51.65
C GLU A 650 -4.55 -24.40 50.21
N ALA A 651 -3.90 -23.48 49.50
CA ALA A 651 -3.44 -23.73 48.13
C ALA A 651 -2.66 -25.02 48.06
N GLY A 652 -3.10 -25.92 47.19
CA GLY A 652 -2.45 -27.22 47.05
C GLY A 652 -2.81 -28.24 48.11
N GLU A 653 -3.62 -27.84 49.10
CA GLU A 653 -4.00 -28.77 50.18
C GLU A 653 -5.09 -29.72 49.72
N GLU A 654 -5.01 -30.97 50.18
CA GLU A 654 -5.96 -32.00 49.76
C GLU A 654 -7.00 -32.29 50.83
N VAL A 655 -8.20 -31.73 50.67
CA VAL A 655 -9.28 -31.91 51.65
C VAL A 655 -9.92 -33.31 51.57
N LYS A 656 -10.26 -33.88 52.72
CA LYS A 656 -10.69 -35.26 52.79
C LYS A 656 -11.84 -35.51 53.77
N VAL A 657 -12.88 -36.17 53.30
CA VAL A 657 -13.96 -36.59 54.18
C VAL A 657 -14.30 -38.06 53.92
N ARG A 658 -15.03 -38.65 54.87
CA ARG A 658 -15.45 -40.03 54.77
C ARG A 658 -16.93 -40.12 55.12
N MET A 659 -17.63 -41.11 54.56
CA MET A 659 -19.04 -41.33 54.88
C MET A 659 -19.40 -42.80 54.79
N ASP A 660 -20.33 -43.23 55.65
CA ASP A 660 -20.70 -44.64 55.72
C ASP A 660 -21.79 -45.02 54.71
N LEU A 661 -21.70 -46.23 54.19
CA LEU A 661 -22.65 -46.72 53.18
C LEU A 661 -23.29 -48.04 53.59
N LEU A 662 -24.49 -48.31 53.09
CA LEU A 662 -25.20 -49.55 53.38
C LEU A 662 -25.71 -50.25 52.10
N PRO A 663 -24.78 -50.79 51.30
CA PRO A 663 -25.02 -51.37 49.97
C PRO A 663 -26.38 -52.03 49.83
N LEU A 664 -27.31 -51.32 49.19
CA LEU A 664 -28.68 -51.79 49.03
C LEU A 664 -28.77 -53.23 48.53
N HIS A 665 -28.56 -53.42 47.23
CA HIS A 665 -28.74 -54.74 46.62
C HIS A 665 -27.46 -55.32 46.00
N MET A 666 -27.58 -55.81 44.77
CA MET A 666 -26.54 -56.65 44.18
C MET A 666 -25.58 -55.94 43.21
N GLY A 667 -26.10 -55.49 42.08
CA GLY A 667 -25.28 -55.02 40.97
C GLY A 667 -24.52 -53.72 41.10
N LEU A 668 -24.41 -53.00 39.98
CA LEU A 668 -23.67 -51.74 39.93
C LEU A 668 -24.45 -50.59 40.57
N HIS A 669 -23.72 -49.73 41.28
CA HIS A 669 -24.27 -48.47 41.75
C HIS A 669 -23.27 -47.33 41.51
N LYS A 670 -23.77 -46.12 41.35
CA LYS A 670 -22.91 -44.99 41.09
C LYS A 670 -23.03 -43.99 42.20
N LEU A 671 -21.89 -43.65 42.80
CA LEU A 671 -21.87 -42.62 43.84
C LEU A 671 -21.65 -41.25 43.20
N VAL A 672 -22.47 -40.28 43.57
CA VAL A 672 -22.43 -38.97 42.91
C VAL A 672 -22.10 -37.83 43.86
N VAL A 673 -21.02 -37.11 43.57
CA VAL A 673 -20.48 -36.13 44.51
C VAL A 673 -20.47 -34.72 43.93
N ASN A 674 -20.73 -33.75 44.80
CA ASN A 674 -20.62 -32.35 44.47
C ASN A 674 -19.80 -31.67 45.53
N PHE A 675 -18.85 -30.85 45.09
CA PHE A 675 -18.04 -30.07 46.01
C PHE A 675 -18.37 -28.62 45.80
N GLU A 676 -18.48 -27.88 46.90
CA GLU A 676 -18.77 -26.46 46.78
C GLU A 676 -17.79 -25.62 47.58
N SER A 677 -17.62 -24.38 47.15
CA SER A 677 -16.64 -23.48 47.75
C SER A 677 -16.97 -22.04 47.41
N ASP A 678 -16.33 -21.12 48.11
CA ASP A 678 -16.55 -19.69 47.84
C ASP A 678 -15.92 -19.29 46.51
N LYS A 679 -14.76 -19.86 46.21
CA LYS A 679 -14.00 -19.44 45.03
C LYS A 679 -13.99 -20.50 43.93
N LEU A 680 -14.46 -21.70 44.26
CA LEU A 680 -14.54 -22.80 43.29
C LEU A 680 -15.85 -23.57 43.49
N LYS A 681 -16.71 -23.53 42.49
CA LYS A 681 -18.05 -24.08 42.65
C LYS A 681 -18.44 -25.06 41.56
N ALA A 682 -19.41 -25.93 41.87
CA ALA A 682 -20.02 -26.81 40.89
C ALA A 682 -19.07 -27.90 40.37
N VAL A 683 -18.15 -28.34 41.20
CA VAL A 683 -17.26 -29.42 40.78
C VAL A 683 -17.84 -30.79 41.17
N LYS A 684 -17.89 -31.70 40.20
CA LYS A 684 -18.59 -32.97 40.35
C LYS A 684 -17.67 -34.15 40.09
N GLY A 685 -18.12 -35.31 40.55
CA GLY A 685 -17.39 -36.55 40.38
C GLY A 685 -18.32 -37.72 40.60
N PHE A 686 -17.89 -38.91 40.21
CA PHE A 686 -18.68 -40.11 40.40
C PHE A 686 -17.75 -41.31 40.45
N ARG A 687 -18.28 -42.41 41.00
CA ARG A 687 -17.54 -43.67 41.04
C ARG A 687 -18.54 -44.80 40.95
N ASN A 688 -18.26 -45.77 40.10
CA ASN A 688 -19.05 -46.98 40.06
C ASN A 688 -18.62 -47.97 41.15
N VAL A 689 -19.50 -48.89 41.51
CA VAL A 689 -19.20 -49.86 42.57
C VAL A 689 -19.84 -51.21 42.30
N ILE A 690 -19.12 -52.27 42.67
CA ILE A 690 -19.57 -53.66 42.48
C ILE A 690 -19.46 -54.10 41.02
N VAL B 3 -10.95 6.81 5.72
CA VAL B 3 -11.10 6.25 7.07
C VAL B 3 -10.45 4.87 7.14
N PRO B 4 -9.61 4.55 8.32
CA PRO B 4 -8.94 3.29 8.57
C PRO B 4 -10.00 2.25 8.60
N LEU B 5 -9.76 0.90 8.04
CA LEU B 5 -10.84 -0.12 8.07
C LEU B 5 -11.32 -0.59 9.46
#